data_8E87
#
_entry.id   8E87
#
_cell.length_a   97.728
_cell.length_b   97.728
_cell.length_c   81.881
_cell.angle_alpha   90.000
_cell.angle_beta   90.000
_cell.angle_gamma   120.000
#
_symmetry.space_group_name_H-M   'P 61'
#
loop_
_entity.id
_entity.type
_entity.pdbx_description
1 polymer 'DNA polymerase eta'
2 polymer "DNA (5'-D(*CP*AP*TP*TP*TP*TP*GP*AP*CP*GP*CP*T)-3')"
3 polymer "DNA/RNA (5'-D(*AP*GP*CP*GP*TP*CP*A)-R(P*A)-3')"
4 non-polymer 'MAGNESIUM ION'
5 non-polymer "2'-deoxy-5'-O-[(R)-hydroxy{[(R)-hydroxy(phosphonooxy)phosphoryl]amino}phosphoryl]guanosine"
6 water water
#
loop_
_entity_poly.entity_id
_entity_poly.type
_entity_poly.pdbx_seq_one_letter_code
_entity_poly.pdbx_strand_id
1 'polypeptide(L)'
;GPHMATGQDRVVALVDMDCFFVQVEQRQNPHLRNKPCAVVQYKSWKGGGIIAVSYEARAFGVTRSMWADDAKKLCPDLLL
AQVRESRGKANLTKYREASVEVMEIMSRFAVIERASIDEAYVDLTSAVQERLQKLQGQPISADLLPSTYIEGLPQGPTTA
EETVQKEGMRKQGLFQWLDSLQIDNLTSPDLQLTVGAVIVEEMRAAIERETGFQCSAGISHNKVLAKLACGLNKPNRQTL
VSHGSVPQLFSQMPIRKIRSLGGKLGASVIEILGIEYMGELTQFTESQLQSHFGEKNGSWLYAMCRGIEHDPVKPRQLPK
TIGCSKNFPGKTALATREQVQWWLLQLAQELEERLTKDRNDNDRVATQLVVSIRVQGDKRLSSLRRCCALTRYDAHKMSH
DAFTVIKNCNTSGIQTEWSPPLTMLFLCATKFSAS
;
A
2 'polydeoxyribonucleotide' (DC)(DA)(DT)(DT)(DT)(DT)(DG)(DA)(DC)(DG)(DC)(DT) T
3 'polydeoxyribonucleotide/polyribonucleotide hybrid' (DA)(DG)(DC)(DG)(DT)(DC)(DA)A P
#
loop_
_chem_comp.id
_chem_comp.type
_chem_comp.name
_chem_comp.formula
A RNA linking ADENOSINE-5'-MONOPHOSPHATE 'C10 H14 N5 O7 P'
DA DNA linking 2'-DEOXYADENOSINE-5'-MONOPHOSPHATE 'C10 H14 N5 O6 P'
DC DNA linking 2'-DEOXYCYTIDINE-5'-MONOPHOSPHATE 'C9 H14 N3 O7 P'
DG DNA linking 2'-DEOXYGUANOSINE-5'-MONOPHOSPHATE 'C10 H14 N5 O7 P'
DT DNA linking THYMIDINE-5'-MONOPHOSPHATE 'C10 H15 N2 O8 P'
MG non-polymer 'MAGNESIUM ION' 'Mg 2'
XG4 non-polymer 2'-deoxy-5'-O-[(R)-hydroxy{[(R)-hydroxy(phosphonooxy)phosphoryl]amino}phosphoryl]guanosine 'C10 H17 N6 O12 P3'
#
# COMPACT_ATOMS: atom_id res chain seq x y z
N GLY A 1 -13.82 -8.08 -31.86
CA GLY A 1 -13.45 -9.40 -32.35
C GLY A 1 -11.97 -9.74 -32.22
N PRO A 2 -11.34 -10.13 -33.33
CA PRO A 2 -9.92 -10.53 -33.26
C PRO A 2 -9.00 -9.40 -32.89
N HIS A 3 -9.35 -8.16 -33.23
CA HIS A 3 -8.50 -6.99 -33.01
C HIS A 3 -8.80 -6.27 -31.70
N MET A 4 -9.74 -6.77 -30.89
CA MET A 4 -10.01 -6.20 -29.58
C MET A 4 -9.03 -6.82 -28.60
N ALA A 5 -7.91 -6.13 -28.38
CA ALA A 5 -6.91 -6.56 -27.40
C ALA A 5 -7.54 -6.60 -26.01
N THR A 6 -7.21 -7.64 -25.25
CA THR A 6 -7.95 -7.96 -24.04
C THR A 6 -7.14 -7.71 -22.77
N GLY A 7 -5.93 -7.16 -22.89
CA GLY A 7 -5.17 -6.86 -21.69
C GLY A 7 -4.76 -8.13 -20.96
N GLN A 8 -4.36 -9.15 -21.72
CA GLN A 8 -3.94 -10.42 -21.17
C GLN A 8 -2.46 -10.68 -21.40
N ASP A 9 -1.72 -9.63 -21.79
CA ASP A 9 -0.31 -9.76 -22.13
C ASP A 9 0.54 -10.05 -20.90
N ARG A 10 0.19 -9.46 -19.77
CA ARG A 10 1.06 -9.46 -18.61
C ARG A 10 0.51 -10.38 -17.54
N VAL A 11 1.43 -10.86 -16.68
CA VAL A 11 1.08 -11.49 -15.42
C VAL A 11 1.64 -10.61 -14.29
N VAL A 12 0.74 -10.03 -13.51
CA VAL A 12 1.10 -9.08 -12.45
C VAL A 12 0.56 -9.60 -11.12
N ALA A 13 1.37 -9.45 -10.07
CA ALA A 13 0.97 -9.86 -8.74
C ALA A 13 1.08 -8.67 -7.80
N LEU A 14 0.17 -8.61 -6.84
CA LEU A 14 0.25 -7.66 -5.75
C LEU A 14 0.39 -8.46 -4.45
N VAL A 15 1.51 -8.29 -3.77
CA VAL A 15 1.73 -8.95 -2.48
C VAL A 15 1.61 -7.92 -1.38
N ASP A 16 0.81 -8.23 -0.35
CA ASP A 16 0.57 -7.32 0.78
C ASP A 16 0.60 -8.08 2.11
N MET A 17 1.45 -7.62 3.03
CA MET A 17 1.58 -8.30 4.32
C MET A 17 0.28 -8.21 5.11
N ASP A 18 -0.09 -9.32 5.72
CA ASP A 18 -1.23 -9.35 6.63
C ASP A 18 -0.89 -8.60 7.93
N CYS A 19 -1.80 -7.72 8.34
CA CYS A 19 -1.69 -6.87 9.53
C CYS A 19 -0.23 -6.57 9.87
N PHE A 20 0.46 -5.85 9.00
CA PHE A 20 1.93 -5.86 8.95
C PHE A 20 2.58 -5.37 10.25
N PHE A 21 2.20 -4.18 10.73
CA PHE A 21 2.90 -3.70 11.93
C PHE A 21 2.69 -4.67 13.11
N VAL A 22 1.50 -5.28 13.19
CA VAL A 22 1.22 -6.24 14.27
C VAL A 22 2.11 -7.46 14.14
N GLN A 23 2.25 -8.00 12.92
CA GLN A 23 3.15 -9.13 12.77
C GLN A 23 4.58 -8.77 13.15
N VAL A 24 5.06 -7.54 12.83
CA VAL A 24 6.43 -7.18 13.22
C VAL A 24 6.56 -7.20 14.74
N GLU A 25 5.54 -6.69 15.43
CA GLU A 25 5.60 -6.70 16.89
C GLU A 25 5.47 -8.12 17.44
N GLN A 26 4.72 -9.00 16.73
CA GLN A 26 4.49 -10.38 17.19
C GLN A 26 5.72 -11.25 16.97
N ARG A 27 6.46 -11.01 15.90
CA ARG A 27 7.76 -11.65 15.76
C ARG A 27 8.68 -11.25 16.92
N GLN A 28 8.73 -9.94 17.23
CA GLN A 28 9.64 -9.50 18.29
C GLN A 28 9.20 -9.99 19.66
N ASN A 29 7.88 -10.02 19.91
CA ASN A 29 7.31 -10.38 21.21
C ASN A 29 6.40 -11.60 21.04
N PRO A 30 6.92 -12.81 21.22
CA PRO A 30 6.06 -14.01 21.09
C PRO A 30 4.77 -13.95 21.89
N HIS A 31 4.74 -13.24 23.03
CA HIS A 31 3.53 -13.25 23.84
C HIS A 31 2.33 -12.66 23.10
N LEU A 32 2.55 -11.99 21.95
CA LEU A 32 1.48 -11.36 21.19
C LEU A 32 0.95 -12.25 20.10
N ARG A 33 1.63 -13.35 19.80
CA ARG A 33 1.26 -14.17 18.66
C ARG A 33 -0.08 -14.84 18.89
N ASN A 34 -0.87 -14.93 17.82
CA ASN A 34 -2.17 -15.62 17.84
C ASN A 34 -3.08 -15.08 18.94
N LYS A 35 -3.12 -13.75 19.05
CA LYS A 35 -3.93 -13.07 20.04
C LYS A 35 -4.61 -11.90 19.36
N PRO A 36 -5.72 -11.42 19.90
CA PRO A 36 -6.22 -10.10 19.51
C PRO A 36 -5.18 -9.05 19.91
N CYS A 37 -4.64 -8.36 18.91
N CYS A 37 -4.58 -8.39 18.93
CA CYS A 37 -3.54 -7.43 19.08
CA CYS A 37 -3.67 -7.32 19.26
C CYS A 37 -3.71 -6.27 18.10
C CYS A 37 -3.73 -6.28 18.16
N ALA A 38 -3.21 -5.10 18.49
CA ALA A 38 -3.23 -3.95 17.61
C ALA A 38 -1.98 -3.12 17.87
N VAL A 39 -1.61 -2.30 16.89
CA VAL A 39 -0.46 -1.41 17.02
C VAL A 39 -0.99 0.01 17.05
N VAL A 40 -0.53 0.80 18.03
N VAL A 40 -0.38 0.84 17.90
CA VAL A 40 -1.03 2.16 18.22
CA VAL A 40 -0.96 2.11 18.30
C VAL A 40 0.14 3.13 18.12
C VAL A 40 0.13 3.18 18.33
N GLN A 41 -0.21 4.40 17.92
CA GLN A 41 0.70 5.54 18.02
C GLN A 41 0.26 6.43 19.18
N TYR A 42 1.18 6.66 20.14
CA TYR A 42 0.91 7.48 21.35
C TYR A 42 0.01 6.68 22.32
N LYS A 43 -0.24 7.20 23.52
CA LYS A 43 -1.00 6.43 24.54
C LYS A 43 -1.80 7.36 25.45
N SER A 44 -1.41 8.62 25.56
CA SER A 44 -2.08 9.56 26.49
C SER A 44 -3.51 9.88 26.04
N TRP A 45 -3.71 10.17 24.76
CA TRP A 45 -5.06 10.52 24.25
C TRP A 45 -5.85 9.27 23.85
N LYS A 46 -6.82 8.87 24.67
CA LYS A 46 -7.72 7.73 24.35
C LYS A 46 -6.93 6.44 24.12
N GLY A 47 -5.78 6.31 24.78
CA GLY A 47 -4.99 5.07 24.71
C GLY A 47 -4.16 4.98 23.45
N GLY A 48 -4.23 5.96 22.54
CA GLY A 48 -3.53 6.00 21.27
C GLY A 48 -4.40 5.57 20.10
N GLY A 49 -4.03 6.02 18.91
CA GLY A 49 -4.81 5.74 17.70
C GLY A 49 -4.33 4.47 17.02
N ILE A 50 -5.26 3.57 16.72
CA ILE A 50 -4.88 2.26 16.17
C ILE A 50 -4.54 2.39 14.70
N ILE A 51 -3.45 1.75 14.27
CA ILE A 51 -3.05 1.73 12.86
C ILE A 51 -2.90 0.32 12.28
N ALA A 52 -2.97 -0.76 13.08
CA ALA A 52 -2.91 -2.12 12.55
C ALA A 52 -3.56 -3.09 13.54
N VAL A 53 -4.29 -4.08 13.02
CA VAL A 53 -5.17 -4.92 13.85
C VAL A 53 -5.02 -6.37 13.40
N SER A 54 -4.68 -7.24 14.33
CA SER A 54 -4.65 -8.67 13.99
C SER A 54 -6.05 -9.17 13.65
N TYR A 55 -6.11 -10.29 12.93
CA TYR A 55 -7.40 -10.78 12.47
C TYR A 55 -8.22 -11.32 13.63
N GLU A 56 -7.56 -11.81 14.68
CA GLU A 56 -8.27 -12.14 15.91
C GLU A 56 -8.97 -10.92 16.47
N ALA A 57 -8.28 -9.78 16.53
CA ALA A 57 -8.89 -8.57 17.06
C ALA A 57 -9.99 -8.04 16.14
N ARG A 58 -9.81 -8.20 14.83
CA ARG A 58 -10.82 -7.79 13.86
C ARG A 58 -12.14 -8.53 14.09
N ALA A 59 -12.09 -9.80 14.53
CA ALA A 59 -13.37 -10.48 14.75
C ALA A 59 -14.20 -9.84 15.84
N PHE A 60 -13.63 -8.96 16.67
CA PHE A 60 -14.38 -8.20 17.68
C PHE A 60 -14.82 -6.82 17.18
N GLY A 61 -14.54 -6.49 15.93
CA GLY A 61 -14.86 -5.16 15.42
C GLY A 61 -13.76 -4.12 15.58
N VAL A 62 -12.57 -4.48 16.07
CA VAL A 62 -11.50 -3.49 16.18
C VAL A 62 -11.01 -3.14 14.78
N THR A 63 -10.81 -1.86 14.52
CA THR A 63 -10.38 -1.38 13.21
C THR A 63 -9.26 -0.36 13.35
N ARG A 64 -8.62 -0.08 12.22
CA ARG A 64 -7.72 1.05 12.09
C ARG A 64 -8.50 2.35 12.24
N SER A 65 -7.82 3.37 12.77
CA SER A 65 -8.31 4.72 13.09
C SER A 65 -9.23 4.71 14.29
N MET A 66 -9.36 3.57 14.98
CA MET A 66 -10.02 3.53 16.28
C MET A 66 -9.06 3.95 17.39
N TRP A 67 -9.59 4.70 18.35
CA TRP A 67 -8.89 4.92 19.61
C TRP A 67 -8.75 3.60 20.38
N ALA A 68 -7.65 3.46 21.12
CA ALA A 68 -7.42 2.19 21.81
C ALA A 68 -8.42 1.96 22.94
N ASP A 69 -8.85 3.03 23.64
CA ASP A 69 -9.82 2.84 24.71
C ASP A 69 -11.18 2.37 24.18
N ASP A 70 -11.59 2.89 23.02
CA ASP A 70 -12.81 2.39 22.38
C ASP A 70 -12.64 0.93 21.98
N ALA A 71 -11.54 0.61 21.30
CA ALA A 71 -11.27 -0.77 20.94
C ALA A 71 -11.32 -1.68 22.15
N LYS A 72 -10.81 -1.21 23.29
CA LYS A 72 -10.86 -2.02 24.52
C LYS A 72 -12.29 -2.24 24.99
N LYS A 73 -13.17 -1.27 24.73
CA LYS A 73 -14.60 -1.52 24.95
C LYS A 73 -15.09 -2.66 24.05
N LEU A 74 -14.59 -2.75 22.81
CA LEU A 74 -15.04 -3.88 21.99
C LEU A 74 -14.31 -5.18 22.36
N CYS A 75 -13.03 -5.11 22.72
CA CYS A 75 -12.22 -6.30 22.93
C CYS A 75 -11.38 -6.16 24.21
N PRO A 76 -11.92 -6.57 25.35
CA PRO A 76 -11.26 -6.26 26.65
C PRO A 76 -9.93 -6.96 26.82
N ASP A 77 -9.67 -8.05 26.10
CA ASP A 77 -8.35 -8.68 26.16
C ASP A 77 -7.43 -8.23 25.03
N LEU A 78 -7.78 -7.17 24.30
CA LEU A 78 -6.93 -6.70 23.21
C LEU A 78 -5.56 -6.38 23.75
N LEU A 79 -4.53 -6.91 23.09
CA LEU A 79 -3.18 -6.53 23.45
C LEU A 79 -2.70 -5.42 22.51
N LEU A 80 -1.87 -4.53 23.04
CA LEU A 80 -1.45 -3.34 22.30
C LEU A 80 0.06 -3.24 22.28
N ALA A 81 0.61 -3.03 21.09
CA ALA A 81 2.01 -2.65 20.94
C ALA A 81 2.06 -1.20 20.50
N GLN A 82 3.01 -0.45 21.06
CA GLN A 82 3.15 0.97 20.80
C GLN A 82 4.27 1.23 19.81
N VAL A 83 4.03 2.14 18.88
CA VAL A 83 5.10 2.62 18.01
C VAL A 83 6.19 3.27 18.84
N ARG A 84 7.44 3.12 18.40
CA ARG A 84 8.57 3.74 19.07
C ARG A 84 8.41 5.26 19.06
N GLU A 85 8.76 5.91 20.16
CA GLU A 85 8.81 7.36 20.23
C GLU A 85 10.26 7.82 20.37
N SER A 86 10.64 8.80 19.55
CA SER A 86 11.96 9.38 19.55
C SER A 86 11.84 10.87 19.27
N ARG A 87 12.62 11.67 19.98
CA ARG A 87 12.53 13.13 19.93
C ARG A 87 11.10 13.62 20.02
N GLY A 88 10.31 12.97 20.88
CA GLY A 88 8.93 13.39 21.06
C GLY A 88 7.98 13.05 19.93
N LYS A 89 8.35 12.17 19.01
CA LYS A 89 7.44 11.82 17.94
C LYS A 89 7.48 10.33 17.66
N ALA A 90 6.43 9.86 17.00
CA ALA A 90 6.41 8.50 16.45
C ALA A 90 7.59 8.28 15.52
N ASN A 91 8.26 7.13 15.70
CA ASN A 91 9.41 6.69 14.89
C ASN A 91 9.09 5.34 14.28
N LEU A 92 9.00 5.28 12.95
CA LEU A 92 8.54 4.06 12.29
C LEU A 92 9.69 3.23 11.73
N THR A 93 10.88 3.39 12.29
CA THR A 93 12.05 2.74 11.70
C THR A 93 11.91 1.22 11.66
N LYS A 94 11.40 0.62 12.74
CA LYS A 94 11.34 -0.84 12.85
C LYS A 94 10.54 -1.45 11.70
N TYR A 95 9.47 -0.77 11.29
CA TYR A 95 8.64 -1.24 10.21
C TYR A 95 9.26 -0.98 8.84
N ARG A 96 9.92 0.17 8.65
CA ARG A 96 10.63 0.39 7.38
C ARG A 96 11.72 -0.66 7.16
N GLU A 97 12.44 -1.04 8.23
CA GLU A 97 13.44 -2.10 8.12
C GLU A 97 12.80 -3.48 7.90
N ALA A 98 11.71 -3.78 8.60
CA ALA A 98 11.00 -5.02 8.31
C ALA A 98 10.54 -5.06 6.85
N SER A 99 10.08 -3.91 6.35
CA SER A 99 9.64 -3.80 4.96
C SER A 99 10.77 -4.09 4.01
N VAL A 100 11.96 -3.55 4.30
CA VAL A 100 13.09 -3.78 3.43
C VAL A 100 13.44 -5.26 3.39
N GLU A 101 13.35 -5.96 4.54
CA GLU A 101 13.48 -7.43 4.50
C GLU A 101 12.53 -8.04 3.46
N VAL A 102 11.24 -7.69 3.56
CA VAL A 102 10.26 -8.30 2.64
C VAL A 102 10.60 -7.96 1.18
N MET A 103 10.87 -6.68 0.91
N MET A 103 10.88 -6.69 0.90
CA MET A 103 11.11 -6.24 -0.47
CA MET A 103 11.08 -6.27 -0.48
C MET A 103 12.32 -6.92 -1.07
C MET A 103 12.33 -6.90 -1.08
N GLU A 104 13.38 -7.09 -0.28
CA GLU A 104 14.60 -7.70 -0.81
C GLU A 104 14.37 -9.15 -1.16
N ILE A 105 13.55 -9.85 -0.36
CA ILE A 105 13.18 -11.21 -0.77
C ILE A 105 12.39 -11.20 -2.09
N MET A 106 11.33 -10.38 -2.17
CA MET A 106 10.52 -10.35 -3.39
C MET A 106 11.36 -10.04 -4.63
N SER A 107 12.35 -9.16 -4.48
CA SER A 107 13.21 -8.80 -5.60
C SER A 107 14.02 -9.97 -6.16
N ARG A 108 14.25 -11.03 -5.38
CA ARG A 108 15.00 -12.17 -5.92
C ARG A 108 14.25 -12.85 -7.05
N PHE A 109 12.93 -12.83 -6.99
CA PHE A 109 12.06 -13.48 -7.97
C PHE A 109 11.82 -12.65 -9.23
N ALA A 110 11.64 -11.35 -9.08
CA ALA A 110 11.34 -10.50 -10.21
C ALA A 110 11.57 -9.06 -9.80
N VAL A 111 11.40 -8.17 -10.77
CA VAL A 111 11.45 -6.74 -10.53
C VAL A 111 10.13 -6.29 -9.90
N ILE A 112 10.22 -5.57 -8.78
CA ILE A 112 9.06 -5.17 -8.00
C ILE A 112 8.93 -3.65 -8.00
N GLU A 113 7.70 -3.17 -7.82
CA GLU A 113 7.40 -1.76 -7.56
C GLU A 113 6.90 -1.65 -6.13
N ARG A 114 7.71 -1.04 -5.27
CA ARG A 114 7.28 -0.80 -3.90
C ARG A 114 6.08 0.14 -3.88
N ALA A 115 4.90 -0.37 -3.54
CA ALA A 115 3.70 0.45 -3.54
C ALA A 115 3.36 1.00 -2.16
N SER A 116 3.83 0.36 -1.09
CA SER A 116 3.70 0.94 0.24
C SER A 116 4.67 0.20 1.14
N ILE A 117 4.76 0.64 2.41
CA ILE A 117 5.68 0.00 3.36
C ILE A 117 5.46 -1.51 3.40
N ASP A 118 4.24 -1.97 3.11
CA ASP A 118 3.96 -3.39 3.25
C ASP A 118 3.50 -4.06 1.96
N GLU A 119 3.61 -3.39 0.80
CA GLU A 119 3.16 -4.11 -0.39
C GLU A 119 3.96 -3.71 -1.62
N ALA A 120 4.03 -4.66 -2.56
CA ALA A 120 4.75 -4.49 -3.81
C ALA A 120 4.01 -5.19 -4.94
N TYR A 121 4.00 -4.57 -6.12
CA TYR A 121 3.62 -5.24 -7.35
C TYR A 121 4.82 -5.93 -7.98
N VAL A 122 4.54 -6.99 -8.72
CA VAL A 122 5.53 -7.84 -9.35
C VAL A 122 5.09 -8.06 -10.78
N ASP A 123 6.00 -7.85 -11.72
CA ASP A 123 5.75 -8.25 -13.11
C ASP A 123 6.37 -9.61 -13.32
N LEU A 124 5.52 -10.63 -13.51
CA LEU A 124 5.98 -12.00 -13.55
C LEU A 124 5.99 -12.58 -14.97
N THR A 125 5.65 -11.77 -15.97
CA THR A 125 5.56 -12.23 -17.36
C THR A 125 6.78 -13.02 -17.80
N SER A 126 7.97 -12.44 -17.65
CA SER A 126 9.21 -13.13 -18.01
C SER A 126 9.37 -14.41 -17.20
N ALA A 127 9.14 -14.32 -15.88
CA ALA A 127 9.33 -15.48 -15.02
C ALA A 127 8.38 -16.61 -15.40
N VAL A 128 7.11 -16.28 -15.71
CA VAL A 128 6.14 -17.30 -16.12
CA VAL A 128 6.18 -17.34 -16.08
C VAL A 128 6.59 -17.95 -17.42
N GLN A 129 7.09 -17.14 -18.36
CA GLN A 129 7.61 -17.73 -19.59
C GLN A 129 8.71 -18.73 -19.28
N GLU A 130 9.70 -18.33 -18.49
CA GLU A 130 10.80 -19.22 -18.13
C GLU A 130 10.27 -20.50 -17.49
N ARG A 131 9.34 -20.37 -16.55
CA ARG A 131 8.81 -21.55 -15.87
C ARG A 131 8.02 -22.47 -16.81
N LEU A 132 7.20 -21.90 -17.70
CA LEU A 132 6.49 -22.73 -18.66
C LEU A 132 7.49 -23.49 -19.53
N GLN A 133 8.59 -22.84 -19.92
CA GLN A 133 9.59 -23.53 -20.72
C GLN A 133 10.24 -24.65 -19.93
N LYS A 134 10.44 -24.44 -18.62
CA LYS A 134 11.05 -25.49 -17.79
C LYS A 134 10.11 -26.67 -17.64
N LEU A 135 8.81 -26.42 -17.49
CA LEU A 135 7.88 -27.52 -17.25
C LEU A 135 7.83 -28.46 -18.43
N GLN A 136 8.01 -27.93 -19.65
CA GLN A 136 7.95 -28.72 -20.88
C GLN A 136 6.65 -29.54 -20.93
N GLY A 137 5.54 -28.81 -20.97
CA GLY A 137 4.22 -29.41 -21.13
C GLY A 137 3.69 -30.18 -19.94
N GLN A 138 4.41 -30.16 -18.81
CA GLN A 138 3.94 -30.88 -17.63
C GLN A 138 2.76 -30.14 -17.00
N PRO A 139 1.70 -30.86 -16.63
CA PRO A 139 0.50 -30.19 -16.09
C PRO A 139 0.73 -29.70 -14.68
N ILE A 140 -0.17 -28.84 -14.23
CA ILE A 140 -0.01 -28.15 -12.94
C ILE A 140 -0.88 -28.87 -11.90
N SER A 141 -0.22 -29.39 -10.88
CA SER A 141 -0.83 -30.13 -9.80
C SER A 141 -1.34 -29.18 -8.73
N ALA A 142 -2.45 -29.54 -8.09
CA ALA A 142 -3.00 -28.72 -7.02
C ALA A 142 -2.07 -28.65 -5.82
N ASP A 143 -1.16 -29.60 -5.69
CA ASP A 143 -0.14 -29.53 -4.66
C ASP A 143 0.71 -28.30 -4.82
N LEU A 144 0.78 -27.72 -6.03
CA LEU A 144 1.62 -26.56 -6.25
C LEU A 144 0.91 -25.27 -5.88
N LEU A 145 -0.37 -25.35 -5.51
CA LEU A 145 -1.19 -24.17 -5.22
C LEU A 145 -1.92 -24.34 -3.89
N PRO A 146 -1.18 -24.58 -2.80
CA PRO A 146 -1.86 -24.94 -1.52
C PRO A 146 -2.69 -23.83 -0.89
N SER A 147 -2.46 -22.56 -1.22
CA SER A 147 -3.17 -21.45 -0.58
C SER A 147 -3.88 -20.57 -1.60
N THR A 148 -4.11 -21.08 -2.80
CA THR A 148 -4.63 -20.31 -3.92
C THR A 148 -6.14 -20.49 -4.06
N TYR A 149 -6.87 -19.37 -4.13
CA TYR A 149 -8.28 -19.34 -4.50
C TYR A 149 -8.43 -18.94 -5.95
N ILE A 150 -9.39 -19.53 -6.64
CA ILE A 150 -9.73 -19.13 -8.00
C ILE A 150 -11.03 -18.37 -7.91
N GLU A 151 -10.98 -17.07 -8.16
CA GLU A 151 -12.16 -16.25 -7.94
C GLU A 151 -13.25 -16.66 -8.92
N GLY A 152 -14.49 -16.72 -8.42
CA GLY A 152 -15.61 -17.16 -9.21
C GLY A 152 -15.81 -18.66 -9.29
N LEU A 153 -14.96 -19.46 -8.64
CA LEU A 153 -15.06 -20.92 -8.61
C LEU A 153 -15.09 -21.41 -7.18
N PRO A 154 -15.78 -22.53 -6.90
CA PRO A 154 -16.47 -23.43 -7.85
C PRO A 154 -17.82 -22.86 -8.31
N GLN A 155 -18.27 -23.22 -9.52
CA GLN A 155 -19.65 -22.98 -9.91
C GLN A 155 -20.22 -24.29 -10.43
N GLY A 156 -21.54 -24.36 -10.50
CA GLY A 156 -22.20 -25.51 -11.12
C GLY A 156 -22.38 -26.70 -10.19
N GLN A 165 -17.01 -26.73 4.09
CA GLN A 165 -16.12 -25.79 4.80
C GLN A 165 -15.28 -24.99 3.79
N LYS A 166 -14.51 -24.02 4.27
CA LYS A 166 -13.75 -23.10 3.37
C LYS A 166 -12.70 -23.85 2.55
N GLU A 167 -11.82 -24.58 3.22
CA GLU A 167 -10.73 -25.27 2.48
C GLU A 167 -11.36 -26.17 1.43
N GLY A 168 -12.50 -26.75 1.77
CA GLY A 168 -13.18 -27.67 0.85
C GLY A 168 -13.62 -26.91 -0.39
N MET A 169 -14.23 -25.76 -0.16
CA MET A 169 -14.62 -24.95 -1.32
C MET A 169 -13.41 -24.45 -2.10
N ARG A 170 -12.36 -24.03 -1.40
CA ARG A 170 -11.15 -23.63 -2.11
C ARG A 170 -10.64 -24.76 -3.00
N LYS A 171 -10.54 -25.97 -2.45
CA LYS A 171 -9.99 -27.07 -3.23
C LYS A 171 -10.92 -27.43 -4.39
N GLN A 172 -12.24 -27.38 -4.18
CA GLN A 172 -13.17 -27.61 -5.28
C GLN A 172 -12.93 -26.62 -6.42
N GLY A 173 -12.87 -25.33 -6.09
CA GLY A 173 -12.69 -24.32 -7.12
C GLY A 173 -11.37 -24.50 -7.85
N LEU A 174 -10.30 -24.81 -7.11
CA LEU A 174 -9.01 -25.08 -7.72
C LEU A 174 -9.05 -26.32 -8.61
N PHE A 175 -9.74 -27.38 -8.18
CA PHE A 175 -9.85 -28.58 -9.02
C PHE A 175 -10.55 -28.27 -10.33
N GLN A 176 -11.69 -27.58 -10.26
CA GLN A 176 -12.39 -27.18 -11.48
C GLN A 176 -11.47 -26.40 -12.41
N TRP A 177 -10.77 -25.40 -11.86
CA TRP A 177 -9.87 -24.58 -12.68
C TRP A 177 -8.79 -25.44 -13.34
N LEU A 178 -8.12 -26.28 -12.56
CA LEU A 178 -7.00 -27.06 -13.08
C LEU A 178 -7.45 -28.11 -14.09
N ASP A 179 -8.63 -28.71 -13.88
CA ASP A 179 -9.15 -29.61 -14.89
C ASP A 179 -9.47 -28.89 -16.18
N SER A 180 -9.90 -27.63 -16.10
CA SER A 180 -10.22 -26.89 -17.33
C SER A 180 -8.99 -26.34 -18.06
N LEU A 181 -7.78 -26.62 -17.58
N LEU A 181 -7.78 -26.62 -17.58
CA LEU A 181 -6.59 -25.92 -18.06
CA LEU A 181 -6.59 -25.91 -18.07
C LEU A 181 -6.03 -26.53 -19.34
C LEU A 181 -6.05 -26.54 -19.35
N GLN A 182 -5.78 -25.70 -20.35
CA GLN A 182 -5.12 -26.14 -21.58
C GLN A 182 -3.61 -25.95 -21.40
N ILE A 183 -2.96 -27.00 -20.88
CA ILE A 183 -1.54 -26.96 -20.55
C ILE A 183 -0.63 -26.97 -21.79
N ASP A 184 -1.14 -27.42 -22.93
CA ASP A 184 -0.31 -27.49 -24.13
C ASP A 184 -0.05 -26.12 -24.74
N ASN A 185 -0.98 -25.17 -24.57
CA ASN A 185 -0.91 -23.86 -25.21
C ASN A 185 -0.09 -22.93 -24.33
N LEU A 186 1.21 -22.81 -24.63
CA LEU A 186 2.12 -21.96 -23.86
C LEU A 186 1.68 -20.51 -23.83
N THR A 187 0.72 -20.12 -24.66
CA THR A 187 0.33 -18.73 -24.82
C THR A 187 -1.03 -18.41 -24.24
N SER A 188 -1.77 -19.40 -23.74
CA SER A 188 -3.05 -19.15 -23.09
C SER A 188 -2.90 -18.25 -21.87
N PRO A 189 -3.57 -17.09 -21.83
CA PRO A 189 -3.58 -16.26 -20.62
C PRO A 189 -3.85 -17.00 -19.33
N ASP A 190 -4.81 -17.94 -19.30
CA ASP A 190 -5.19 -18.58 -18.04
C ASP A 190 -4.07 -19.47 -17.49
N LEU A 191 -3.44 -20.26 -18.37
CA LEU A 191 -2.23 -20.97 -18.01
C LEU A 191 -1.17 -20.02 -17.44
N GLN A 192 -0.98 -18.87 -18.09
CA GLN A 192 0.05 -17.94 -17.63
C GLN A 192 -0.25 -17.47 -16.22
N LEU A 193 -1.50 -17.11 -15.93
CA LEU A 193 -1.89 -16.75 -14.57
C LEU A 193 -1.63 -17.89 -13.60
N THR A 194 -1.96 -19.12 -13.99
CA THR A 194 -1.79 -20.27 -13.11
C THR A 194 -0.33 -20.47 -12.72
N VAL A 195 0.55 -20.39 -13.71
CA VAL A 195 1.97 -20.50 -13.42
C VAL A 195 2.44 -19.31 -12.57
N GLY A 196 1.91 -18.11 -12.85
CA GLY A 196 2.19 -16.97 -11.99
C GLY A 196 1.85 -17.25 -10.54
N ALA A 197 0.69 -17.88 -10.32
CA ALA A 197 0.26 -18.23 -8.97
C ALA A 197 1.17 -19.28 -8.33
N VAL A 198 1.70 -20.22 -9.13
CA VAL A 198 2.68 -21.15 -8.57
C VAL A 198 3.90 -20.38 -8.06
N ILE A 199 4.38 -19.44 -8.87
CA ILE A 199 5.54 -18.66 -8.44
C ILE A 199 5.20 -17.80 -7.22
N VAL A 200 3.96 -17.30 -7.14
CA VAL A 200 3.60 -16.46 -6.00
C VAL A 200 3.50 -17.30 -4.73
N GLU A 201 3.02 -18.54 -4.83
CA GLU A 201 3.10 -19.48 -3.70
C GLU A 201 4.55 -19.61 -3.22
N GLU A 202 5.47 -19.82 -4.17
CA GLU A 202 6.88 -19.91 -3.80
C GLU A 202 7.37 -18.63 -3.13
N MET A 203 6.99 -17.47 -3.67
CA MET A 203 7.44 -16.21 -3.12
C MET A 203 6.92 -16.02 -1.70
N ARG A 204 5.64 -16.30 -1.48
CA ARG A 204 5.07 -16.17 -0.14
C ARG A 204 5.67 -17.20 0.81
N ALA A 205 6.02 -18.38 0.31
CA ALA A 205 6.70 -19.34 1.18
C ALA A 205 8.07 -18.80 1.59
N ALA A 206 8.82 -18.24 0.65
CA ALA A 206 10.13 -17.69 0.97
C ALA A 206 10.00 -16.52 1.95
N ILE A 207 9.02 -15.64 1.73
CA ILE A 207 8.81 -14.53 2.65
C ILE A 207 8.55 -15.06 4.06
N GLU A 208 7.65 -16.03 4.19
CA GLU A 208 7.38 -16.54 5.54
C GLU A 208 8.60 -17.26 6.13
N ARG A 209 9.27 -18.11 5.34
CA ARG A 209 10.46 -18.81 5.83
C ARG A 209 11.48 -17.84 6.37
N GLU A 210 11.76 -16.78 5.62
CA GLU A 210 12.91 -15.95 5.88
C GLU A 210 12.60 -14.74 6.75
N THR A 211 11.31 -14.41 6.96
CA THR A 211 11.01 -13.32 7.88
C THR A 211 10.12 -13.69 9.04
N GLY A 212 9.38 -14.79 8.95
CA GLY A 212 8.31 -15.07 9.87
C GLY A 212 7.00 -14.40 9.56
N PHE A 213 6.96 -13.52 8.56
CA PHE A 213 5.76 -12.76 8.23
C PHE A 213 4.92 -13.50 7.21
N GLN A 214 3.61 -13.52 7.45
CA GLN A 214 2.65 -14.02 6.47
C GLN A 214 2.08 -12.86 5.65
N CYS A 215 1.64 -13.19 4.43
CA CYS A 215 1.13 -12.19 3.50
C CYS A 215 0.06 -12.81 2.63
N SER A 216 -0.68 -11.94 1.94
CA SER A 216 -1.59 -12.36 0.91
C SER A 216 -1.13 -11.81 -0.43
N ALA A 217 -1.76 -12.28 -1.50
CA ALA A 217 -1.39 -11.83 -2.84
C ALA A 217 -2.56 -11.98 -3.80
N GLY A 218 -2.55 -11.11 -4.80
CA GLY A 218 -3.46 -11.22 -5.94
C GLY A 218 -2.62 -11.50 -7.18
N ILE A 219 -3.14 -12.38 -8.03
CA ILE A 219 -2.50 -12.71 -9.30
C ILE A 219 -3.51 -12.39 -10.41
N SER A 220 -3.16 -11.48 -11.30
CA SER A 220 -4.04 -11.19 -12.45
C SER A 220 -3.20 -10.64 -13.59
N HIS A 221 -3.85 -9.95 -14.53
CA HIS A 221 -3.15 -9.40 -15.69
C HIS A 221 -2.75 -7.94 -15.53
N ASN A 222 -3.15 -7.26 -14.46
CA ASN A 222 -2.73 -5.87 -14.27
C ASN A 222 -2.70 -5.54 -12.77
N LYS A 223 -2.30 -4.31 -12.46
CA LYS A 223 -2.07 -3.94 -11.07
C LYS A 223 -3.39 -3.80 -10.31
N VAL A 224 -4.39 -3.18 -10.92
CA VAL A 224 -5.65 -2.93 -10.23
C VAL A 224 -6.33 -4.23 -9.87
N LEU A 225 -6.33 -5.19 -10.81
CA LEU A 225 -6.98 -6.47 -10.56
C LEU A 225 -6.19 -7.29 -9.55
N ALA A 226 -4.86 -7.21 -9.61
CA ALA A 226 -4.02 -7.91 -8.65
C ALA A 226 -4.28 -7.41 -7.24
N LYS A 227 -4.35 -6.07 -7.08
CA LYS A 227 -4.63 -5.47 -5.78
C LYS A 227 -6.03 -5.85 -5.30
N LEU A 228 -7.05 -5.70 -6.15
CA LEU A 228 -8.40 -6.12 -5.80
C LEU A 228 -8.46 -7.60 -5.41
N ALA A 229 -7.75 -8.45 -6.15
CA ALA A 229 -7.74 -9.88 -5.87
C ALA A 229 -7.09 -10.18 -4.53
N CYS A 230 -6.00 -9.48 -4.21
CA CYS A 230 -5.27 -9.72 -2.98
C CYS A 230 -6.18 -9.65 -1.75
N GLY A 231 -7.10 -8.67 -1.72
CA GLY A 231 -7.95 -8.51 -0.55
C GLY A 231 -9.08 -9.51 -0.45
N LEU A 232 -9.43 -10.20 -1.54
CA LEU A 232 -10.61 -11.07 -1.51
C LEU A 232 -10.47 -12.20 -0.49
N ASN A 233 -9.25 -12.62 -0.19
CA ASN A 233 -9.14 -13.85 0.62
C ASN A 233 -8.09 -13.75 1.72
N LYS A 234 -7.76 -12.53 2.15
CA LYS A 234 -6.92 -12.32 3.30
C LYS A 234 -7.56 -12.96 4.53
N PRO A 235 -6.76 -13.43 5.50
CA PRO A 235 -5.29 -13.49 5.57
C PRO A 235 -4.68 -14.77 5.05
N ASN A 236 -3.38 -14.71 4.74
CA ASN A 236 -2.57 -15.89 4.47
C ASN A 236 -3.08 -16.73 3.31
N ARG A 237 -3.71 -16.07 2.30
CA ARG A 237 -4.16 -16.74 1.09
C ARG A 237 -3.85 -15.86 -0.11
N GLN A 238 -3.83 -16.45 -1.30
CA GLN A 238 -3.62 -15.69 -2.51
C GLN A 238 -4.76 -15.97 -3.48
N THR A 239 -5.06 -15.02 -4.36
CA THR A 239 -6.25 -15.14 -5.18
C THR A 239 -5.93 -14.83 -6.62
N LEU A 240 -6.29 -15.77 -7.50
CA LEU A 240 -6.13 -15.65 -8.94
C LEU A 240 -7.43 -15.12 -9.53
N VAL A 241 -7.36 -13.92 -10.12
CA VAL A 241 -8.49 -13.30 -10.78
C VAL A 241 -8.20 -13.35 -12.27
N SER A 242 -8.94 -14.20 -12.98
CA SER A 242 -8.76 -14.39 -14.40
C SER A 242 -9.52 -13.32 -15.20
N HIS A 243 -9.10 -13.14 -16.46
CA HIS A 243 -9.85 -12.24 -17.32
C HIS A 243 -11.32 -12.66 -17.38
N GLY A 244 -11.58 -13.95 -17.52
CA GLY A 244 -12.95 -14.40 -17.69
C GLY A 244 -13.83 -14.20 -16.48
N SER A 245 -13.25 -14.12 -15.29
CA SER A 245 -13.98 -13.89 -14.06
C SER A 245 -14.39 -12.44 -13.86
N VAL A 246 -13.96 -11.52 -14.73
CA VAL A 246 -14.20 -10.11 -14.45
C VAL A 246 -15.68 -9.72 -14.53
N PRO A 247 -16.43 -10.09 -15.59
CA PRO A 247 -17.87 -9.73 -15.64
C PRO A 247 -18.67 -10.11 -14.42
N GLN A 248 -18.54 -11.34 -13.91
CA GLN A 248 -19.30 -11.71 -12.71
C GLN A 248 -18.81 -10.93 -11.51
N LEU A 249 -17.48 -10.88 -11.31
CA LEU A 249 -16.91 -10.22 -10.13
C LEU A 249 -17.33 -8.78 -10.08
N PHE A 250 -17.14 -8.07 -11.18
CA PHE A 250 -17.51 -6.67 -11.29
C PHE A 250 -19.02 -6.44 -11.27
N SER A 251 -19.85 -7.46 -11.53
CA SER A 251 -21.28 -7.19 -11.64
C SER A 251 -21.87 -6.76 -10.30
N GLN A 252 -21.18 -7.00 -9.19
CA GLN A 252 -21.67 -6.63 -7.87
C GLN A 252 -20.56 -5.95 -7.07
N MET A 253 -19.50 -5.53 -7.72
CA MET A 253 -18.42 -4.89 -7.02
C MET A 253 -18.71 -3.41 -6.88
N PRO A 254 -18.91 -2.89 -5.67
CA PRO A 254 -19.05 -1.45 -5.50
C PRO A 254 -17.86 -0.71 -6.12
N ILE A 255 -18.18 0.37 -6.81
CA ILE A 255 -17.17 1.13 -7.53
C ILE A 255 -16.04 1.55 -6.58
N ARG A 256 -16.39 1.90 -5.33
CA ARG A 256 -15.40 2.41 -4.37
C ARG A 256 -14.35 1.37 -4.00
N LYS A 257 -14.57 0.10 -4.34
CA LYS A 257 -13.62 -0.94 -3.98
C LYS A 257 -12.41 -0.99 -4.91
N ILE A 258 -12.46 -0.28 -6.04
CA ILE A 258 -11.38 -0.33 -7.02
C ILE A 258 -10.38 0.76 -6.67
N ARG A 259 -9.09 0.41 -6.71
CA ARG A 259 -8.05 1.36 -6.31
C ARG A 259 -8.15 2.64 -7.13
N SER A 260 -8.15 3.78 -6.43
CA SER A 260 -8.22 5.16 -6.90
C SER A 260 -9.67 5.63 -7.06
N LEU A 261 -10.65 4.74 -6.96
CA LEU A 261 -12.06 5.12 -7.02
C LEU A 261 -12.71 5.12 -5.64
N GLY A 262 -11.94 5.08 -4.58
CA GLY A 262 -12.51 5.10 -3.25
C GLY A 262 -12.82 6.48 -2.70
N GLY A 263 -12.55 7.53 -3.45
CA GLY A 263 -12.72 8.88 -2.97
C GLY A 263 -13.71 9.70 -3.77
N LYS A 264 -13.35 10.96 -4.03
CA LYS A 264 -14.27 11.90 -4.68
C LYS A 264 -14.63 11.45 -6.08
N LEU A 265 -13.65 10.98 -6.85
CA LEU A 265 -13.92 10.56 -8.23
C LEU A 265 -14.88 9.39 -8.28
N GLY A 266 -14.70 8.41 -7.39
CA GLY A 266 -15.63 7.29 -7.35
C GLY A 266 -17.04 7.75 -7.02
N ALA A 267 -17.16 8.68 -6.07
CA ALA A 267 -18.47 9.21 -5.69
C ALA A 267 -19.11 9.92 -6.85
N SER A 268 -18.32 10.66 -7.63
CA SER A 268 -18.91 11.37 -8.77
C SER A 268 -19.28 10.39 -9.89
N VAL A 269 -18.49 9.33 -10.10
CA VAL A 269 -18.91 8.29 -11.04
C VAL A 269 -20.29 7.81 -10.66
N ILE A 270 -20.45 7.46 -9.38
CA ILE A 270 -21.74 6.98 -8.86
C ILE A 270 -22.85 8.00 -9.12
N GLU A 271 -22.65 9.26 -8.68
CA GLU A 271 -23.72 10.26 -8.74
C GLU A 271 -24.05 10.68 -10.18
N ILE A 272 -23.03 10.90 -11.01
CA ILE A 272 -23.27 11.36 -12.37
C ILE A 272 -23.89 10.25 -13.22
N LEU A 273 -23.28 9.07 -13.23
CA LEU A 273 -23.81 8.02 -14.09
C LEU A 273 -25.07 7.34 -13.54
N GLY A 274 -25.35 7.51 -12.25
CA GLY A 274 -26.47 6.83 -11.63
C GLY A 274 -26.28 5.34 -11.48
N ILE A 275 -25.08 4.88 -11.13
CA ILE A 275 -24.77 3.46 -10.99
C ILE A 275 -24.11 3.21 -9.63
N GLU A 276 -23.93 1.92 -9.31
CA GLU A 276 -23.34 1.42 -8.07
C GLU A 276 -22.13 0.50 -8.30
N TYR A 277 -22.20 -0.40 -9.29
CA TYR A 277 -21.20 -1.45 -9.43
C TYR A 277 -20.31 -1.20 -10.63
N MET A 278 -19.08 -1.69 -10.51
CA MET A 278 -18.07 -1.56 -11.56
C MET A 278 -18.61 -2.01 -12.91
N GLY A 279 -19.32 -3.15 -12.95
CA GLY A 279 -19.78 -3.69 -14.22
C GLY A 279 -20.63 -2.72 -15.02
N GLU A 280 -21.49 -1.96 -14.34
CA GLU A 280 -22.39 -1.04 -15.05
C GLU A 280 -21.62 -0.03 -15.89
N LEU A 281 -20.34 0.21 -15.59
CA LEU A 281 -19.58 1.17 -16.39
C LEU A 281 -19.55 0.76 -17.86
N THR A 282 -19.54 -0.55 -18.15
CA THR A 282 -19.39 -1.02 -19.53
C THR A 282 -20.45 -0.43 -20.45
N GLN A 283 -21.59 0.01 -19.92
CA GLN A 283 -22.63 0.47 -20.84
C GLN A 283 -22.41 1.88 -21.39
N PHE A 284 -21.31 2.54 -21.05
CA PHE A 284 -21.05 3.88 -21.55
C PHE A 284 -19.92 3.84 -22.58
N THR A 285 -19.96 4.76 -23.54
CA THR A 285 -18.89 4.80 -24.52
C THR A 285 -17.68 5.47 -23.91
N GLU A 286 -16.51 5.21 -24.50
CA GLU A 286 -15.30 5.88 -24.02
C GLU A 286 -15.51 7.39 -24.03
N SER A 287 -16.05 7.91 -25.12
CA SER A 287 -16.26 9.35 -25.22
C SER A 287 -17.16 9.85 -24.10
N GLN A 288 -18.23 9.09 -23.77
CA GLN A 288 -19.08 9.49 -22.66
C GLN A 288 -18.28 9.63 -21.35
N LEU A 289 -17.47 8.63 -21.04
CA LEU A 289 -16.70 8.64 -19.79
C LEU A 289 -15.66 9.75 -19.81
N GLN A 290 -15.05 10.00 -20.96
CA GLN A 290 -14.11 11.10 -21.11
C GLN A 290 -14.79 12.44 -20.91
N SER A 291 -16.02 12.57 -21.42
CA SER A 291 -16.75 13.81 -21.23
CA SER A 291 -16.78 13.81 -21.23
C SER A 291 -16.96 14.10 -19.75
N HIS A 292 -17.38 13.09 -18.98
CA HIS A 292 -17.66 13.34 -17.57
C HIS A 292 -16.40 13.46 -16.70
N PHE A 293 -15.36 12.67 -16.99
CA PHE A 293 -14.26 12.51 -16.06
C PHE A 293 -12.91 12.86 -16.65
N GLY A 294 -12.88 13.45 -17.85
CA GLY A 294 -11.63 13.82 -18.49
C GLY A 294 -11.09 12.72 -19.38
N GLU A 295 -10.19 13.09 -20.30
CA GLU A 295 -9.68 12.12 -21.27
C GLU A 295 -8.98 10.95 -20.60
N LYS A 296 -8.11 11.24 -19.62
CA LYS A 296 -7.30 10.18 -19.02
C LYS A 296 -8.15 9.25 -18.17
N ASN A 297 -8.82 9.80 -17.17
CA ASN A 297 -9.72 9.03 -16.34
C ASN A 297 -10.77 8.30 -17.19
N GLY A 298 -11.26 8.96 -18.25
CA GLY A 298 -12.28 8.33 -19.07
C GLY A 298 -11.78 7.10 -19.79
N SER A 299 -10.68 7.23 -20.53
CA SER A 299 -10.02 6.07 -21.10
C SER A 299 -9.78 4.98 -20.05
N TRP A 300 -9.23 5.38 -18.90
CA TRP A 300 -8.89 4.40 -17.88
C TRP A 300 -10.12 3.67 -17.37
N LEU A 301 -11.22 4.39 -17.15
CA LEU A 301 -12.46 3.77 -16.69
C LEU A 301 -13.04 2.82 -17.74
N TYR A 302 -13.03 3.25 -19.00
CA TYR A 302 -13.57 2.44 -20.09
C TYR A 302 -12.84 1.10 -20.17
N ALA A 303 -11.52 1.11 -20.08
CA ALA A 303 -10.82 -0.18 -20.10
C ALA A 303 -10.93 -0.94 -18.76
N MET A 304 -10.97 -0.23 -17.64
CA MET A 304 -10.89 -0.91 -16.35
C MET A 304 -12.16 -1.71 -16.07
N CYS A 305 -13.33 -1.17 -16.47
CA CYS A 305 -14.55 -1.95 -16.23
C CYS A 305 -14.64 -3.19 -17.12
N ARG A 306 -13.77 -3.31 -18.11
CA ARG A 306 -13.62 -4.54 -18.86
C ARG A 306 -12.45 -5.38 -18.37
N GLY A 307 -11.83 -5.01 -17.24
CA GLY A 307 -10.70 -5.76 -16.71
C GLY A 307 -9.36 -5.40 -17.30
N ILE A 308 -9.27 -4.31 -18.05
CA ILE A 308 -8.05 -3.96 -18.77
C ILE A 308 -7.46 -2.69 -18.16
N GLU A 309 -6.16 -2.72 -17.93
CA GLU A 309 -5.40 -1.59 -17.42
C GLU A 309 -3.95 -1.77 -17.85
N HIS A 310 -3.29 -0.68 -18.17
CA HIS A 310 -1.99 -0.80 -18.82
C HIS A 310 -0.86 -0.24 -17.98
N ASP A 311 -1.18 0.37 -16.84
CA ASP A 311 -0.18 0.94 -15.97
C ASP A 311 0.94 -0.06 -15.71
N PRO A 312 2.19 0.26 -16.04
CA PRO A 312 3.26 -0.72 -15.87
C PRO A 312 3.65 -0.90 -14.41
N VAL A 313 4.28 -2.04 -14.16
CA VAL A 313 4.94 -2.30 -12.88
C VAL A 313 6.26 -1.55 -12.95
N LYS A 314 6.34 -0.41 -12.27
CA LYS A 314 7.55 0.40 -12.31
CA LYS A 314 7.55 0.40 -12.31
C LYS A 314 8.68 -0.32 -11.57
N PRO A 315 9.86 -0.35 -12.13
CA PRO A 315 11.00 -0.97 -11.42
C PRO A 315 11.52 -0.02 -10.35
N ARG A 316 10.93 -0.04 -9.16
CA ARG A 316 11.28 0.92 -8.11
C ARG A 316 11.01 0.25 -6.77
N GLN A 317 12.09 -0.14 -6.10
CA GLN A 317 12.05 -0.82 -4.83
C GLN A 317 12.16 0.12 -3.63
N LEU A 318 12.67 1.32 -3.83
CA LEU A 318 12.93 2.24 -2.76
C LEU A 318 12.00 3.45 -2.83
N PRO A 319 11.64 4.04 -1.69
CA PRO A 319 10.83 5.27 -1.70
C PRO A 319 11.51 6.38 -2.50
N LYS A 320 10.70 7.23 -3.15
CA LYS A 320 11.19 8.40 -3.87
C LYS A 320 11.33 9.63 -2.99
N THR A 321 10.75 9.60 -1.79
CA THR A 321 10.80 10.73 -0.86
C THR A 321 10.99 10.17 0.55
N ILE A 322 11.61 10.95 1.42
CA ILE A 322 11.80 10.55 2.81
C ILE A 322 11.29 11.67 3.70
N GLY A 323 10.32 11.38 4.54
CA GLY A 323 9.56 12.44 5.19
C GLY A 323 9.32 12.17 6.66
N CYS A 324 9.17 13.28 7.39
CA CYS A 324 8.94 13.33 8.83
CA CYS A 324 8.95 13.34 8.83
C CYS A 324 7.79 14.29 9.09
N SER A 325 6.80 13.84 9.84
CA SER A 325 5.58 14.63 10.01
C SER A 325 5.12 14.54 11.45
N LYS A 326 4.61 15.65 12.00
CA LYS A 326 3.94 15.55 13.28
C LYS A 326 2.81 16.58 13.36
N ASN A 327 1.63 16.08 13.78
CA ASN A 327 0.49 16.92 14.10
C ASN A 327 0.60 17.46 15.51
N PHE A 328 -0.01 18.63 15.72
CA PHE A 328 -0.08 19.28 17.02
C PHE A 328 -1.51 19.75 17.17
N PRO A 329 -2.41 18.89 17.59
CA PRO A 329 -3.83 19.24 17.56
C PRO A 329 -4.22 20.15 18.72
N GLY A 330 -5.25 20.95 18.47
CA GLY A 330 -5.89 21.77 19.48
C GLY A 330 -4.95 22.50 20.40
N LYS A 331 -4.93 22.10 21.67
CA LYS A 331 -4.23 22.84 22.71
C LYS A 331 -2.75 22.49 22.81
N THR A 332 -2.25 21.65 21.90
CA THR A 332 -0.81 21.42 21.81
C THR A 332 -0.19 22.17 20.64
N ALA A 333 -0.99 22.85 19.83
CA ALA A 333 -0.49 23.61 18.68
C ALA A 333 0.62 24.56 19.08
N LEU A 334 1.64 24.65 18.21
CA LEU A 334 2.82 25.44 18.51
C LEU A 334 2.49 26.92 18.37
N ALA A 335 2.66 27.68 19.44
CA ALA A 335 2.26 29.08 19.48
C ALA A 335 3.40 30.04 19.75
N THR A 336 4.63 29.53 19.93
CA THR A 336 5.79 30.37 20.16
C THR A 336 6.87 30.04 19.16
N ARG A 337 7.84 30.96 19.05
CA ARG A 337 8.93 30.77 18.11
C ARG A 337 9.85 29.65 18.57
N GLU A 338 10.20 29.65 19.86
CA GLU A 338 10.99 28.58 20.47
C GLU A 338 10.42 27.21 20.16
N GLN A 339 9.09 27.04 20.29
CA GLN A 339 8.42 25.77 20.04
C GLN A 339 8.59 25.32 18.59
N VAL A 340 8.32 26.23 17.65
CA VAL A 340 8.41 25.85 16.25
C VAL A 340 9.85 25.49 15.90
N GLN A 341 10.81 26.18 16.51
CA GLN A 341 12.21 25.86 16.22
C GLN A 341 12.61 24.53 16.81
N TRP A 342 12.17 24.25 18.05
CA TRP A 342 12.54 22.98 18.67
C TRP A 342 11.96 21.81 17.90
N TRP A 343 10.71 21.92 17.47
CA TRP A 343 10.11 20.81 16.74
C TRP A 343 10.65 20.70 15.32
N LEU A 344 10.97 21.83 14.66
CA LEU A 344 11.62 21.74 13.37
C LEU A 344 12.96 21.05 13.51
N LEU A 345 13.64 21.28 14.63
CA LEU A 345 14.91 20.62 14.86
C LEU A 345 14.72 19.13 15.16
N GLN A 346 13.66 18.78 15.87
CA GLN A 346 13.43 17.36 16.14
C GLN A 346 13.15 16.63 14.84
N LEU A 347 12.27 17.20 14.01
CA LEU A 347 11.99 16.63 12.69
C LEU A 347 13.25 16.53 11.86
N ALA A 348 14.04 17.61 11.80
CA ALA A 348 15.26 17.63 10.99
C ALA A 348 16.28 16.64 11.49
N GLN A 349 16.31 16.37 12.80
CA GLN A 349 17.24 15.37 13.32
C GLN A 349 16.84 13.95 12.89
N GLU A 350 15.55 13.62 13.00
CA GLU A 350 15.14 12.29 12.54
C GLU A 350 15.38 12.15 11.04
N LEU A 351 15.04 13.19 10.27
CA LEU A 351 15.25 13.18 8.84
C LEU A 351 16.72 12.99 8.48
N GLU A 352 17.60 13.70 9.17
CA GLU A 352 19.04 13.57 8.93
C GLU A 352 19.51 12.14 9.15
N GLU A 353 19.10 11.52 10.26
CA GLU A 353 19.45 10.12 10.52
C GLU A 353 18.98 9.23 9.38
N ARG A 354 17.72 9.37 8.99
CA ARG A 354 17.21 8.52 7.92
CA ARG A 354 17.18 8.55 7.91
C ARG A 354 17.94 8.78 6.61
N LEU A 355 18.24 10.04 6.29
CA LEU A 355 18.90 10.39 5.02
C LEU A 355 20.34 9.89 4.98
N THR A 356 21.07 9.99 6.08
CA THR A 356 22.43 9.48 6.11
C THR A 356 22.43 7.98 5.85
N LYS A 357 21.54 7.26 6.53
CA LYS A 357 21.47 5.82 6.30
C LYS A 357 21.02 5.52 4.86
N ASP A 358 20.13 6.35 4.31
CA ASP A 358 19.70 6.16 2.94
C ASP A 358 20.87 6.31 1.97
N ARG A 359 21.67 7.36 2.18
CA ARG A 359 22.85 7.60 1.34
C ARG A 359 23.79 6.41 1.37
N ASN A 360 24.09 5.89 2.57
CA ASN A 360 25.02 4.77 2.67
C ASN A 360 24.46 3.49 2.04
N ASP A 361 23.16 3.24 2.21
CA ASP A 361 22.57 2.00 1.69
C ASP A 361 22.37 2.06 0.18
N ASN A 362 21.89 3.19 -0.34
CA ASN A 362 21.26 3.22 -1.66
C ASN A 362 21.98 4.15 -2.64
N ASP A 363 23.13 4.70 -2.26
CA ASP A 363 24.03 5.42 -3.18
C ASP A 363 23.29 6.55 -3.90
N ARG A 364 22.73 7.46 -3.10
CA ARG A 364 21.93 8.54 -3.64
C ARG A 364 21.82 9.62 -2.58
N VAL A 365 21.50 10.83 -3.04
CA VAL A 365 21.44 12.00 -2.18
C VAL A 365 20.19 12.78 -2.54
N ALA A 366 19.44 13.22 -1.54
CA ALA A 366 18.33 14.11 -1.79
C ALA A 366 18.84 15.53 -2.00
N THR A 367 18.17 16.27 -2.89
CA THR A 367 18.60 17.61 -3.26
C THR A 367 17.57 18.70 -2.99
N GLN A 368 16.36 18.36 -2.55
CA GLN A 368 15.31 19.36 -2.32
C GLN A 368 14.62 19.08 -0.99
N LEU A 369 14.50 20.11 -0.14
CA LEU A 369 13.82 19.98 1.14
C LEU A 369 12.46 20.68 1.03
N VAL A 370 11.40 19.92 1.25
CA VAL A 370 10.04 20.44 1.24
C VAL A 370 9.58 20.62 2.68
N VAL A 371 9.11 21.81 3.01
CA VAL A 371 8.56 22.09 4.32
CA VAL A 371 8.57 22.15 4.33
C VAL A 371 7.09 22.43 4.16
N SER A 372 6.26 21.72 4.91
CA SER A 372 4.83 21.89 4.84
C SER A 372 4.30 22.12 6.24
N ILE A 373 3.28 22.95 6.36
CA ILE A 373 2.71 23.27 7.64
C ILE A 373 1.20 23.33 7.52
N ARG A 374 0.54 23.13 8.65
CA ARG A 374 -0.86 23.44 8.83
C ARG A 374 -0.96 24.52 9.91
N VAL A 375 -1.90 25.44 9.73
CA VAL A 375 -2.21 26.46 10.72
C VAL A 375 -3.58 26.17 11.31
N GLN A 376 -3.74 26.49 12.59
CA GLN A 376 -4.95 26.12 13.33
C GLN A 376 -6.19 26.74 12.70
N GLY A 377 -7.23 25.94 12.56
CA GLY A 377 -8.45 26.44 11.96
C GLY A 377 -8.47 26.44 10.45
N ASP A 378 -7.37 26.06 9.81
CA ASP A 378 -7.41 25.86 8.36
C ASP A 378 -8.17 24.57 8.06
N LYS A 379 -9.00 24.64 7.03
CA LYS A 379 -9.76 23.46 6.58
C LYS A 379 -8.84 22.42 5.94
N ARG A 380 -7.77 22.85 5.27
CA ARG A 380 -6.93 21.95 4.51
C ARG A 380 -5.92 21.22 5.40
N LEU A 381 -5.62 19.97 5.00
CA LEU A 381 -4.59 19.20 5.69
C LEU A 381 -3.23 19.89 5.61
N SER A 382 -2.95 20.50 4.46
CA SER A 382 -1.72 21.24 4.25
C SER A 382 -2.06 22.70 4.01
N SER A 383 -1.50 23.59 4.83
CA SER A 383 -1.74 25.02 4.67
C SER A 383 -0.70 25.68 3.78
N LEU A 384 0.56 25.26 3.91
CA LEU A 384 1.60 25.80 3.06
C LEU A 384 2.69 24.76 2.81
N ARG A 385 3.19 24.72 1.58
CA ARG A 385 4.21 23.77 1.16
C ARG A 385 5.22 24.58 0.36
N ARG A 386 6.41 24.74 0.89
CA ARG A 386 7.46 25.49 0.22
CA ARG A 386 7.46 25.49 0.22
C ARG A 386 8.75 24.68 0.21
N CYS A 387 9.53 24.84 -0.85
CA CYS A 387 10.72 24.05 -1.06
C CYS A 387 11.96 24.94 -1.03
N CYS A 388 13.07 24.37 -0.59
CA CYS A 388 14.37 25.03 -0.63
C CYS A 388 15.43 24.00 -0.99
N ALA A 389 16.66 24.46 -1.20
CA ALA A 389 17.73 23.54 -1.57
C ALA A 389 18.19 22.73 -0.37
N LEU A 390 18.48 21.45 -0.60
CA LEU A 390 19.02 20.55 0.42
C LEU A 390 20.42 20.17 -0.03
N THR A 391 21.41 20.81 0.57
CA THR A 391 22.80 20.68 0.13
C THR A 391 23.68 19.95 1.14
N ARG A 392 23.21 19.78 2.37
CA ARG A 392 23.96 19.11 3.43
C ARG A 392 23.00 18.28 4.26
N TYR A 393 23.43 17.08 4.63
CA TYR A 393 22.69 16.28 5.61
C TYR A 393 23.08 16.77 7.01
N ASP A 394 22.62 17.98 7.33
CA ASP A 394 22.85 18.61 8.62
C ASP A 394 21.52 19.05 9.19
N ALA A 395 21.12 18.47 10.32
CA ALA A 395 19.80 18.75 10.84
C ALA A 395 19.65 20.22 11.20
N HIS A 396 20.68 20.84 11.78
CA HIS A 396 20.56 22.23 12.17
C HIS A 396 20.33 23.13 10.97
N LYS A 397 21.13 22.92 9.92
CA LYS A 397 20.88 23.66 8.68
C LYS A 397 19.48 23.41 8.11
N MET A 398 19.03 22.15 8.12
CA MET A 398 17.75 21.84 7.50
C MET A 398 16.61 22.53 8.25
N SER A 399 16.66 22.49 9.59
CA SER A 399 15.65 23.14 10.42
C SER A 399 15.71 24.67 10.29
N HIS A 400 16.91 25.23 10.23
CA HIS A 400 17.02 26.67 10.01
C HIS A 400 16.41 27.07 8.66
N ASP A 401 16.67 26.30 7.60
CA ASP A 401 16.12 26.63 6.29
C ASP A 401 14.61 26.49 6.26
N ALA A 402 14.09 25.44 6.91
CA ALA A 402 12.64 25.27 7.00
C ALA A 402 12.01 26.47 7.68
N PHE A 403 12.63 26.94 8.78
CA PHE A 403 12.14 28.14 9.46
C PHE A 403 12.23 29.37 8.57
N THR A 404 13.40 29.61 8.00
CA THR A 404 13.58 30.71 7.05
C THR A 404 12.48 30.70 6.00
N VAL A 405 12.07 29.52 5.56
CA VAL A 405 11.12 29.40 4.47
C VAL A 405 9.67 29.55 4.92
N ILE A 406 9.35 29.30 6.19
CA ILE A 406 7.97 29.40 6.65
C ILE A 406 7.70 30.58 7.60
N LYS A 407 8.74 31.28 8.07
CA LYS A 407 8.56 32.29 9.11
C LYS A 407 7.60 33.41 8.73
N ASN A 408 7.38 33.65 7.44
CA ASN A 408 6.51 34.73 7.01
C ASN A 408 5.03 34.36 7.05
N CYS A 409 4.71 33.29 7.79
CA CYS A 409 3.34 32.96 8.13
C CYS A 409 2.95 33.48 9.51
N ASN A 410 3.94 33.78 10.34
CA ASN A 410 3.70 34.36 11.66
C ASN A 410 3.18 35.80 11.50
N THR A 411 1.95 36.04 11.93
CA THR A 411 1.37 37.37 11.89
C THR A 411 1.58 38.16 13.19
N SER A 412 2.21 37.55 14.20
CA SER A 412 2.46 38.24 15.45
C SER A 412 3.38 39.44 15.25
N GLY A 413 3.15 40.47 16.05
CA GLY A 413 4.05 41.60 16.11
C GLY A 413 5.00 41.42 17.28
N THR A 416 8.10 36.91 18.83
CA THR A 416 8.25 36.02 19.99
C THR A 416 7.14 34.99 20.03
N GLU A 417 5.98 35.38 19.52
CA GLU A 417 4.81 34.52 19.44
C GLU A 417 4.71 33.90 18.05
N TRP A 418 3.80 32.94 17.92
CA TRP A 418 3.42 32.40 16.62
C TRP A 418 1.91 32.39 16.49
N SER A 419 1.40 32.99 15.42
CA SER A 419 -0.02 33.06 15.16
C SER A 419 -0.27 33.05 13.65
N PRO A 420 -1.25 32.28 13.17
CA PRO A 420 -2.04 31.27 13.89
C PRO A 420 -1.11 30.17 14.37
N PRO A 421 -1.44 29.53 15.49
CA PRO A 421 -0.64 28.40 15.95
C PRO A 421 -0.60 27.31 14.89
N LEU A 422 0.49 26.54 14.90
CA LEU A 422 0.75 25.53 13.89
C LEU A 422 0.22 24.18 14.35
N THR A 423 -0.63 23.56 13.54
CA THR A 423 -1.21 22.27 13.87
C THR A 423 -0.47 21.13 13.19
N MET A 424 0.58 21.42 12.43
CA MET A 424 1.34 20.38 11.74
C MET A 424 2.67 20.96 11.29
N LEU A 425 3.73 20.17 11.45
CA LEU A 425 4.99 20.41 10.78
C LEU A 425 5.32 19.18 9.95
N PHE A 426 5.93 19.39 8.78
CA PHE A 426 6.22 18.29 7.86
CA PHE A 426 6.22 18.29 7.86
C PHE A 426 7.44 18.68 7.05
N LEU A 427 8.48 17.86 7.15
CA LEU A 427 9.70 18.00 6.36
C LEU A 427 9.79 16.79 5.44
N CYS A 428 10.17 17.02 4.18
CA CYS A 428 10.28 15.92 3.21
C CYS A 428 11.47 16.18 2.28
N ALA A 429 12.39 15.22 2.24
CA ALA A 429 13.48 15.23 1.28
C ALA A 429 13.04 14.54 -0.01
N THR A 430 13.27 15.21 -1.14
CA THR A 430 12.83 14.75 -2.45
C THR A 430 13.95 14.99 -3.45
N LYS A 431 13.70 14.67 -4.72
CA LYS A 431 14.62 14.97 -5.81
C LYS A 431 15.98 14.29 -5.61
N PHE A 432 15.95 12.96 -5.55
CA PHE A 432 17.16 12.19 -5.32
C PHE A 432 18.00 12.11 -6.58
N SER A 433 19.31 11.95 -6.37
CA SER A 433 20.30 11.97 -7.44
C SER A 433 21.45 11.05 -7.03
N ALA A 434 21.96 10.28 -7.98
CA ALA A 434 22.94 9.25 -7.64
C ALA A 434 24.17 9.86 -6.96
N SER A 435 24.76 9.08 -6.05
CA SER A 435 25.94 9.53 -5.31
C SER A 435 26.87 8.35 -5.08
MG MG D . -1.25 -5.20 4.65
MG MG E . -0.96 -2.59 2.37
N1 XG4 F . -0.62 5.82 9.75
C2 XG4 F . 0.54 5.09 9.90
N2 XG4 F . 1.49 5.68 10.64
N3 XG4 F . 0.76 3.86 9.44
C4 XG4 F . -0.27 3.34 8.78
C5 XG4 F . -1.45 3.94 8.54
C6 XG4 F . -1.62 5.24 9.06
O6 XG4 F . -2.67 5.88 8.90
N7 XG4 F . -2.30 3.08 7.85
C8 XG4 F . -1.59 1.99 7.68
N9 XG4 F . -0.35 2.07 8.26
PA XG4 F . -2.27 -2.13 5.29
PB XG4 F . -2.34 -4.20 7.32
PG XG4 F . -4.01 -6.06 6.01
C1' XG4 F . 0.63 0.99 8.42
O1A XG4 F . -1.73 -3.09 4.34
O1B XG4 F . -1.10 -4.66 6.69
O1G XG4 F . -5.47 -5.69 5.87
C2' XG4 F . 0.14 -0.12 9.35
O2A XG4 F . -3.34 -1.17 4.62
O2B XG4 F . -2.10 -3.84 8.83
O2G XG4 F . -3.12 -5.60 4.88
C3' XG4 F . -0.17 -1.30 8.42
O3' XG4 F . 0.20 -2.52 9.07
N3A XG4 F . -2.95 -2.88 6.56
O3B XG4 F . -3.42 -5.33 7.29
O3G XG4 F . -3.76 -7.53 6.28
C4' XG4 F . 0.74 -1.03 7.22
O4' XG4 F . 0.88 0.41 7.15
C5' XG4 F . 0.22 -1.53 5.90
O5' XG4 F . -1.15 -1.14 5.76
#